data_9JIX
#
_entry.id   9JIX
#
_cell.length_a   77.663
_cell.length_b   77.663
_cell.length_c   101.535
_cell.angle_alpha   90.000
_cell.angle_beta   90.000
_cell.angle_gamma   120.000
#
_symmetry.space_group_name_H-M   'P 32 2 1'
#
loop_
_entity.id
_entity.type
_entity.pdbx_description
1 polymer 'De Novo Designed ATPase, PL2x4_2'
2 non-polymer 'AMMONIUM ION'
3 non-polymer 'SULFATE ION'
4 non-polymer 'ACETATE ION'
5 non-polymer 2-AMINO-2-HYDROXYMETHYL-PROPANE-1,3-DIOL
6 water water
#
_entity_poly.entity_id   1
_entity_poly.type   'polypeptide(L)'
_entity_poly.pdbx_seq_one_letter_code
;GGHMGAIVILVVGPPGSGKSQLIKAIEKLAREQGQPVVTTSVTSEDEAKKVLEELLKKDPNAIVVIEIKNPRIAERVAKR
VLEEDPTAVLVVVVSSPEVARELRENLPNVIVVVLIRDPEKLKEAKKQGTQVLSGDGNPEEAAKQIAQLIKDQAGSWS
;
_entity_poly.pdbx_strand_id   A,C
#
loop_
_chem_comp.id
_chem_comp.type
_chem_comp.name
_chem_comp.formula
ACT non-polymer 'ACETATE ION' 'C2 H3 O2 -1'
NH4 non-polymer 'AMMONIUM ION' 'H4 N 1'
SO4 non-polymer 'SULFATE ION' 'O4 S -2'
TRS non-polymer 2-AMINO-2-HYDROXYMETHYL-PROPANE-1,3-DIOL 'C4 H12 N O3 1'
#
# COMPACT_ATOMS: atom_id res chain seq x y z
N MET A 4 -0.29 -3.29 -20.82
CA MET A 4 -1.24 -4.42 -20.63
C MET A 4 -2.55 -3.90 -20.01
N GLY A 5 -2.42 -3.21 -18.88
CA GLY A 5 -3.56 -2.66 -18.19
C GLY A 5 -3.38 -2.72 -16.67
N ALA A 6 -4.38 -2.22 -15.94
CA ALA A 6 -4.37 -2.28 -14.50
C ALA A 6 -4.93 -3.62 -14.04
N ILE A 7 -4.26 -4.25 -13.08
CA ILE A 7 -4.83 -5.35 -12.32
C ILE A 7 -5.19 -4.80 -10.93
N VAL A 8 -6.49 -4.87 -10.60
CA VAL A 8 -6.95 -4.42 -9.29
C VAL A 8 -7.37 -5.65 -8.50
N ILE A 9 -6.75 -5.84 -7.33
CA ILE A 9 -7.11 -6.95 -6.44
C ILE A 9 -7.75 -6.36 -5.19
N LEU A 10 -9.05 -6.65 -4.99
CA LEU A 10 -9.72 -6.39 -3.72
C LEU A 10 -9.43 -7.56 -2.80
N VAL A 11 -8.96 -7.27 -1.60
CA VAL A 11 -8.75 -8.30 -0.61
C VAL A 11 -9.74 -8.05 0.53
N VAL A 12 -10.75 -8.91 0.63
CA VAL A 12 -11.96 -8.62 1.38
C VAL A 12 -12.07 -9.58 2.56
N GLY A 13 -12.28 -9.00 3.76
CA GLY A 13 -12.56 -9.80 4.94
C GLY A 13 -12.45 -9.00 6.23
N PRO A 14 -13.11 -9.47 7.31
CA PRO A 14 -13.05 -8.79 8.62
C PRO A 14 -11.66 -8.94 9.24
N PRO A 15 -11.27 -8.12 10.25
CA PRO A 15 -10.01 -8.33 10.98
C PRO A 15 -9.84 -9.80 11.38
N GLY A 16 -8.67 -10.35 11.08
CA GLY A 16 -8.37 -11.74 11.41
C GLY A 16 -8.55 -12.71 10.24
N SER A 17 -8.68 -12.18 9.01
CA SER A 17 -8.91 -12.96 7.80
C SER A 17 -7.61 -13.28 7.06
N GLY A 18 -6.49 -12.70 7.50
CA GLY A 18 -5.21 -12.98 6.85
C GLY A 18 -4.86 -11.95 5.78
N LYS A 19 -5.53 -10.79 5.77
CA LYS A 19 -5.45 -9.88 4.63
C LYS A 19 -4.02 -9.32 4.52
N SER A 20 -3.46 -8.84 5.64
CA SER A 20 -2.21 -8.13 5.53
C SER A 20 -1.09 -9.09 5.12
N GLN A 21 -1.16 -10.34 5.60
CA GLN A 21 -0.15 -11.33 5.26
C GLN A 21 -0.32 -11.76 3.80
N LEU A 22 -1.58 -11.85 3.35
CA LEU A 22 -1.82 -12.24 1.97
C LEU A 22 -1.25 -11.14 1.08
N ILE A 23 -1.50 -9.89 1.50
CA ILE A 23 -1.10 -8.72 0.72
C ILE A 23 0.43 -8.65 0.68
N LYS A 24 1.09 -9.02 1.79
CA LYS A 24 2.54 -9.00 1.86
C LYS A 24 3.09 -10.03 0.88
N ALA A 25 2.45 -11.21 0.83
CA ALA A 25 2.91 -12.26 -0.08
C ALA A 25 2.67 -11.86 -1.55
N ILE A 26 1.57 -11.14 -1.81
CA ILE A 26 1.28 -10.76 -3.20
C ILE A 26 2.31 -9.74 -3.68
N GLU A 27 2.65 -8.77 -2.81
CA GLU A 27 3.63 -7.73 -3.10
C GLU A 27 5.02 -8.33 -3.33
N LYS A 28 5.37 -9.36 -2.56
CA LYS A 28 6.69 -9.94 -2.61
C LYS A 28 6.86 -10.71 -3.91
N LEU A 29 5.86 -11.52 -4.25
CA LEU A 29 5.88 -12.28 -5.50
C LEU A 29 5.90 -11.35 -6.70
N ALA A 30 5.20 -10.21 -6.58
CA ALA A 30 5.12 -9.28 -7.70
C ALA A 30 6.45 -8.56 -7.92
N ARG A 31 7.13 -8.20 -6.81
CA ARG A 31 8.43 -7.57 -6.90
C ARG A 31 9.41 -8.54 -7.58
N GLU A 32 9.33 -9.82 -7.21
CA GLU A 32 10.18 -10.86 -7.77
C GLU A 32 9.96 -11.01 -9.27
N GLN A 33 8.79 -10.62 -9.75
CA GLN A 33 8.48 -10.80 -11.16
C GLN A 33 8.64 -9.48 -11.88
N GLY A 34 9.17 -8.50 -11.16
CA GLY A 34 9.50 -7.18 -11.68
C GLY A 34 8.28 -6.30 -11.88
N GLN A 35 7.19 -6.58 -11.17
CA GLN A 35 5.97 -5.83 -11.34
C GLN A 35 5.76 -4.94 -10.13
N PRO A 36 5.55 -3.62 -10.30
CA PRO A 36 5.25 -2.74 -9.18
C PRO A 36 3.84 -3.02 -8.62
N VAL A 37 3.73 -3.04 -7.29
CA VAL A 37 2.45 -3.13 -6.61
C VAL A 37 2.32 -1.94 -5.67
N VAL A 38 1.10 -1.39 -5.59
CA VAL A 38 0.74 -0.38 -4.58
C VAL A 38 -0.49 -0.89 -3.83
N THR A 39 -0.63 -0.48 -2.56
CA THR A 39 -1.71 -0.93 -1.70
C THR A 39 -2.43 0.26 -1.12
N THR A 40 -3.73 0.08 -0.86
CA THR A 40 -4.54 1.08 -0.18
C THR A 40 -5.62 0.35 0.60
N SER A 41 -5.98 0.91 1.74
CA SER A 41 -7.00 0.36 2.59
C SER A 41 -8.16 1.35 2.60
N VAL A 42 -9.37 0.90 2.25
CA VAL A 42 -10.52 1.80 2.17
C VAL A 42 -11.61 1.33 3.12
N THR A 43 -12.40 2.27 3.63
CA THR A 43 -13.43 1.98 4.62
C THR A 43 -14.78 2.45 4.10
N SER A 44 -14.76 3.23 3.01
CA SER A 44 -16.00 3.75 2.45
C SER A 44 -15.90 3.79 0.93
N GLU A 45 -17.11 3.86 0.29
CA GLU A 45 -17.17 3.91 -1.19
C GLU A 45 -16.53 5.22 -1.70
N ASP A 46 -16.65 6.32 -1.09
CA ASP A 46 -16.09 7.59 -1.60
C ASP A 46 -14.56 7.58 -1.44
N GLU A 47 -14.07 7.11 -0.21
CA GLU A 47 -12.63 6.94 -0.08
C GLU A 47 -12.07 6.21 -1.31
N ALA A 48 -12.78 5.15 -1.72
CA ALA A 48 -12.35 4.36 -2.86
C ALA A 48 -12.40 5.20 -4.12
N LYS A 49 -13.47 5.99 -4.29
CA LYS A 49 -13.61 6.87 -5.44
C LYS A 49 -12.40 7.81 -5.50
N LYS A 50 -12.09 8.43 -4.35
CA LYS A 50 -11.02 9.42 -4.24
C LYS A 50 -9.70 8.83 -4.70
N VAL A 51 -9.36 7.66 -4.15
CA VAL A 51 -8.04 7.10 -4.41
C VAL A 51 -7.99 6.52 -5.82
N LEU A 52 -9.12 5.95 -6.28
CA LEU A 52 -9.14 5.31 -7.57
C LEU A 52 -9.16 6.36 -8.68
N GLU A 53 -9.87 7.47 -8.46
CA GLU A 53 -9.91 8.53 -9.46
C GLU A 53 -8.55 9.20 -9.60
N GLU A 54 -7.74 9.18 -8.53
CA GLU A 54 -6.40 9.75 -8.63
C GLU A 54 -5.46 8.73 -9.28
N LEU A 55 -5.61 7.47 -8.85
CA LEU A 55 -4.59 6.48 -9.14
C LEU A 55 -4.84 5.81 -10.49
N LEU A 56 -6.07 5.32 -10.70
CA LEU A 56 -6.41 4.59 -11.91
C LEU A 56 -6.76 5.56 -13.04
N LYS A 57 -5.95 6.62 -13.17
CA LYS A 57 -6.16 7.72 -14.09
C LYS A 57 -6.10 7.21 -15.53
N LYS A 58 -4.96 6.63 -15.92
CA LYS A 58 -4.71 6.30 -17.31
C LYS A 58 -4.37 4.82 -17.45
N ASP A 59 -5.24 3.98 -16.88
CA ASP A 59 -5.10 2.54 -16.91
C ASP A 59 -3.64 2.17 -16.62
N PRO A 60 -3.10 2.63 -15.47
CA PRO A 60 -1.71 2.39 -15.17
C PRO A 60 -1.38 0.91 -15.33
N ASN A 61 -0.21 0.62 -15.86
CA ASN A 61 0.21 -0.78 -16.02
C ASN A 61 0.72 -1.21 -14.65
N ALA A 62 -0.19 -1.37 -13.71
CA ALA A 62 0.25 -1.69 -12.33
C ALA A 62 -0.77 -2.52 -11.59
N ILE A 63 -0.28 -3.21 -10.58
CA ILE A 63 -1.12 -3.98 -9.69
C ILE A 63 -1.49 -3.08 -8.51
N VAL A 64 -2.79 -2.90 -8.33
CA VAL A 64 -3.33 -2.14 -7.22
C VAL A 64 -4.05 -3.11 -6.30
N VAL A 65 -3.59 -3.22 -5.05
CA VAL A 65 -4.26 -4.02 -4.06
C VAL A 65 -5.10 -3.10 -3.17
N ILE A 66 -6.39 -3.45 -3.00
CA ILE A 66 -7.29 -2.71 -2.13
C ILE A 66 -7.77 -3.60 -1.00
N GLU A 67 -7.41 -3.22 0.22
CA GLU A 67 -7.79 -3.93 1.41
C GLU A 67 -9.13 -3.41 1.90
N ILE A 68 -10.06 -4.32 2.18
CA ILE A 68 -11.40 -3.96 2.62
C ILE A 68 -11.76 -4.80 3.84
N LYS A 69 -11.78 -4.13 4.99
CA LYS A 69 -12.08 -4.77 6.26
C LYS A 69 -13.58 -4.94 6.46
N ASN A 70 -14.39 -4.10 5.77
CA ASN A 70 -15.83 -4.16 5.89
C ASN A 70 -16.42 -4.81 4.62
N PRO A 71 -16.72 -6.12 4.61
CA PRO A 71 -17.27 -6.78 3.43
C PRO A 71 -18.52 -6.13 2.83
N ARG A 72 -19.27 -5.36 3.63
CA ARG A 72 -20.50 -4.76 3.12
C ARG A 72 -20.23 -3.75 2.02
N ILE A 73 -19.01 -3.17 1.95
CA ILE A 73 -18.76 -2.15 0.94
C ILE A 73 -18.15 -2.74 -0.34
N ALA A 74 -17.84 -4.05 -0.33
CA ALA A 74 -17.05 -4.68 -1.40
C ALA A 74 -17.67 -4.45 -2.77
N GLU A 75 -18.98 -4.68 -2.87
CA GLU A 75 -19.71 -4.59 -4.14
C GLU A 75 -19.59 -3.20 -4.73
N ARG A 76 -19.83 -2.16 -3.90
CA ARG A 76 -19.83 -0.79 -4.39
C ARG A 76 -18.42 -0.36 -4.77
N VAL A 77 -17.42 -0.85 -4.02
CA VAL A 77 -16.04 -0.56 -4.36
C VAL A 77 -15.68 -1.25 -5.68
N ALA A 78 -16.09 -2.51 -5.81
CA ALA A 78 -15.90 -3.24 -7.07
C ALA A 78 -16.51 -2.46 -8.25
N LYS A 79 -17.76 -1.98 -8.09
CA LYS A 79 -18.41 -1.21 -9.13
C LYS A 79 -17.68 0.10 -9.39
N ARG A 80 -17.17 0.72 -8.31
CA ARG A 80 -16.44 1.96 -8.45
C ARG A 80 -15.18 1.74 -9.29
N VAL A 81 -14.50 0.61 -9.06
CA VAL A 81 -13.30 0.30 -9.84
C VAL A 81 -13.65 0.27 -11.33
N LEU A 82 -14.77 -0.38 -11.66
CA LEU A 82 -15.12 -0.59 -13.06
C LEU A 82 -15.55 0.74 -13.68
N GLU A 83 -16.22 1.57 -12.86
CA GLU A 83 -16.64 2.92 -13.24
C GLU A 83 -15.42 3.76 -13.57
N GLU A 84 -14.37 3.68 -12.73
CA GLU A 84 -13.21 4.54 -12.87
C GLU A 84 -12.29 4.04 -13.98
N ASP A 85 -12.14 2.71 -14.08
CA ASP A 85 -11.31 2.17 -15.12
C ASP A 85 -12.01 0.95 -15.70
N PRO A 86 -12.85 1.15 -16.75
CA PRO A 86 -13.57 0.03 -17.38
C PRO A 86 -12.62 -0.97 -18.04
N THR A 87 -11.35 -0.58 -18.18
CA THR A 87 -10.30 -1.40 -18.77
C THR A 87 -9.35 -1.92 -17.69
N ALA A 88 -9.90 -2.15 -16.47
CA ALA A 88 -9.11 -2.78 -15.42
C ALA A 88 -9.54 -4.24 -15.25
N VAL A 89 -8.57 -5.13 -15.05
CA VAL A 89 -8.86 -6.48 -14.58
C VAL A 89 -9.15 -6.39 -13.08
N LEU A 90 -10.26 -7.02 -12.66
CA LEU A 90 -10.63 -6.97 -11.26
C LEU A 90 -10.74 -8.38 -10.70
N VAL A 91 -9.97 -8.63 -9.64
CA VAL A 91 -10.00 -9.90 -8.95
C VAL A 91 -10.39 -9.63 -7.50
N VAL A 92 -11.40 -10.33 -7.04
CA VAL A 92 -11.89 -10.13 -5.66
C VAL A 92 -11.60 -11.38 -4.84
N VAL A 93 -10.69 -11.25 -3.89
CA VAL A 93 -10.37 -12.32 -2.96
C VAL A 93 -11.18 -12.10 -1.68
N VAL A 94 -12.05 -13.07 -1.36
CA VAL A 94 -13.02 -12.87 -0.30
C VAL A 94 -12.85 -13.95 0.76
N SER A 95 -13.03 -13.59 2.04
CA SER A 95 -12.87 -14.59 3.10
C SER A 95 -14.12 -15.49 3.23
N SER A 96 -15.32 -14.94 3.10
CA SER A 96 -16.53 -15.72 3.35
C SER A 96 -17.10 -16.23 2.04
N PRO A 97 -17.43 -17.54 1.93
CA PRO A 97 -18.11 -18.07 0.75
C PRO A 97 -19.48 -17.42 0.50
N GLU A 98 -20.15 -16.98 1.57
CA GLU A 98 -21.45 -16.33 1.44
C GLU A 98 -21.31 -14.95 0.82
N VAL A 99 -20.31 -14.18 1.26
CA VAL A 99 -20.06 -12.89 0.61
C VAL A 99 -19.69 -13.13 -0.85
N ALA A 100 -18.82 -14.12 -1.09
CA ALA A 100 -18.32 -14.37 -2.44
C ALA A 100 -19.50 -14.64 -3.38
N ARG A 101 -20.46 -15.42 -2.90
CA ARG A 101 -21.62 -15.78 -3.71
C ARG A 101 -22.40 -14.52 -4.03
N GLU A 102 -22.57 -13.65 -3.03
CA GLU A 102 -23.37 -12.45 -3.23
C GLU A 102 -22.68 -11.53 -4.25
N LEU A 103 -21.34 -11.41 -4.17
CA LEU A 103 -20.61 -10.57 -5.10
C LEU A 103 -20.67 -11.13 -6.54
N ARG A 104 -20.58 -12.45 -6.68
CA ARG A 104 -20.66 -13.11 -7.98
C ARG A 104 -22.01 -12.84 -8.65
N GLU A 105 -23.09 -12.90 -7.87
CA GLU A 105 -24.43 -12.64 -8.38
C GLU A 105 -24.54 -11.21 -8.91
N ASN A 106 -23.75 -10.28 -8.35
CA ASN A 106 -23.93 -8.87 -8.62
C ASN A 106 -22.85 -8.31 -9.55
N LEU A 107 -21.85 -9.13 -9.90
CA LEU A 107 -20.83 -8.70 -10.83
C LEU A 107 -20.46 -9.81 -11.83
N PRO A 108 -20.00 -9.46 -13.06
CA PRO A 108 -19.25 -10.41 -13.91
C PRO A 108 -17.74 -10.26 -13.73
N ASN A 109 -17.20 -10.53 -12.53
CA ASN A 109 -15.79 -10.31 -12.18
C ASN A 109 -15.18 -11.55 -11.51
N VAL A 110 -13.88 -11.81 -11.72
CA VAL A 110 -13.22 -12.93 -11.05
C VAL A 110 -13.34 -12.79 -9.54
N ILE A 111 -14.03 -13.74 -8.92
CA ILE A 111 -14.18 -13.78 -7.43
C ILE A 111 -13.56 -15.08 -6.95
N VAL A 112 -12.72 -15.01 -5.94
CA VAL A 112 -11.92 -16.15 -5.50
C VAL A 112 -12.14 -16.36 -4.01
N VAL A 113 -12.29 -17.64 -3.60
CA VAL A 113 -12.16 -17.96 -2.19
C VAL A 113 -10.99 -18.92 -2.02
N VAL A 114 -10.11 -18.61 -1.06
CA VAL A 114 -9.16 -19.60 -0.60
C VAL A 114 -9.80 -20.39 0.56
N LEU A 115 -10.68 -19.73 1.32
CA LEU A 115 -11.34 -20.24 2.58
C LEU A 115 -12.58 -21.09 2.30
N ARG A 117 -14.94 -22.92 3.91
CA ARG A 117 -14.88 -24.04 4.89
C ARG A 117 -16.22 -24.76 4.84
N ASP A 118 -17.34 -24.09 5.22
CA ASP A 118 -18.58 -24.87 5.20
C ASP A 118 -18.81 -25.43 3.80
N PRO A 119 -18.80 -26.77 3.61
CA PRO A 119 -18.81 -27.37 2.27
C PRO A 119 -20.05 -26.99 1.45
N GLU A 120 -21.16 -26.75 2.15
CA GLU A 120 -22.45 -26.51 1.53
C GLU A 120 -22.47 -25.08 0.97
N LYS A 121 -21.98 -24.12 1.77
CA LYS A 121 -21.95 -22.72 1.35
C LYS A 121 -20.91 -22.53 0.24
N LEU A 122 -19.83 -23.33 0.30
CA LEU A 122 -18.77 -23.22 -0.70
C LEU A 122 -19.28 -23.71 -2.05
N LYS A 123 -20.05 -24.82 -2.04
CA LYS A 123 -20.65 -25.37 -3.24
C LYS A 123 -21.58 -24.33 -3.86
N GLU A 124 -22.44 -23.70 -3.05
CA GLU A 124 -23.31 -22.62 -3.48
C GLU A 124 -22.53 -21.47 -4.10
N ALA A 125 -21.40 -21.10 -3.48
CA ALA A 125 -20.58 -20.03 -4.05
C ALA A 125 -20.07 -20.42 -5.43
N LYS A 126 -19.53 -21.65 -5.55
CA LYS A 126 -18.96 -22.14 -6.79
C LYS A 126 -20.00 -22.21 -7.91
N LYS A 127 -21.28 -22.41 -7.55
CA LYS A 127 -22.37 -22.52 -8.49
C LYS A 127 -22.68 -21.17 -9.12
N GLN A 128 -22.33 -20.09 -8.42
CA GLN A 128 -22.47 -18.75 -8.96
C GLN A 128 -21.17 -18.34 -9.67
N GLY A 129 -20.18 -19.24 -9.78
CA GLY A 129 -18.92 -18.93 -10.44
C GLY A 129 -17.75 -18.50 -9.56
N THR A 130 -17.89 -18.59 -8.23
CA THR A 130 -16.75 -18.37 -7.35
C THR A 130 -15.65 -19.39 -7.66
N GLN A 131 -14.41 -18.88 -7.73
CA GLN A 131 -13.25 -19.71 -8.03
C GLN A 131 -12.64 -20.10 -6.69
N VAL A 132 -12.20 -21.33 -6.54
CA VAL A 132 -11.59 -21.73 -5.28
C VAL A 132 -10.15 -22.05 -5.57
N LEU A 133 -9.24 -21.60 -4.68
CA LEU A 133 -7.82 -21.90 -4.83
C LEU A 133 -7.31 -22.41 -3.48
N SER A 134 -6.36 -23.36 -3.49
CA SER A 134 -5.65 -23.79 -2.29
C SER A 134 -4.81 -22.64 -1.75
N GLY A 135 -4.45 -22.73 -0.46
CA GLY A 135 -3.51 -21.83 0.17
C GLY A 135 -4.15 -21.01 1.28
N ASP A 136 -5.31 -21.44 1.76
CA ASP A 136 -5.90 -20.75 2.94
C ASP A 136 -4.92 -20.95 4.09
N GLY A 137 -4.43 -19.86 4.68
CA GLY A 137 -3.47 -19.92 5.77
C GLY A 137 -2.04 -20.07 5.30
N ASN A 138 -1.79 -20.20 4.00
CA ASN A 138 -0.42 -20.24 3.46
C ASN A 138 -0.28 -19.10 2.46
N PRO A 139 0.02 -17.87 2.93
CA PRO A 139 0.08 -16.72 2.05
C PRO A 139 0.94 -16.90 0.79
N GLU A 140 2.04 -17.66 0.86
CA GLU A 140 2.96 -17.82 -0.26
C GLU A 140 2.36 -18.70 -1.36
N GLU A 141 1.72 -19.79 -0.95
CA GLU A 141 1.04 -20.66 -1.90
C GLU A 141 -0.15 -19.89 -2.51
N ALA A 142 -0.91 -19.22 -1.64
CA ALA A 142 -2.10 -18.45 -2.02
C ALA A 142 -1.76 -17.42 -3.10
N ALA A 143 -0.68 -16.66 -2.86
CA ALA A 143 -0.18 -15.65 -3.79
C ALA A 143 0.23 -16.31 -5.10
N LYS A 144 0.88 -17.48 -4.98
CA LYS A 144 1.27 -18.22 -6.17
C LYS A 144 0.01 -18.62 -6.94
N GLN A 145 -0.98 -19.12 -6.20
CA GLN A 145 -2.19 -19.64 -6.85
C GLN A 145 -2.94 -18.50 -7.53
N ILE A 146 -3.05 -17.35 -6.84
CA ILE A 146 -3.74 -16.19 -7.38
C ILE A 146 -3.05 -15.72 -8.67
N ALA A 147 -1.70 -15.66 -8.65
CA ALA A 147 -0.97 -15.19 -9.82
C ALA A 147 -1.18 -16.13 -11.00
N GLN A 148 -1.26 -17.45 -10.73
CA GLN A 148 -1.51 -18.42 -11.79
C GLN A 148 -2.91 -18.23 -12.38
N LEU A 149 -3.89 -17.97 -11.50
CA LEU A 149 -5.27 -17.83 -11.96
C LEU A 149 -5.37 -16.58 -12.82
N ILE A 150 -4.68 -15.51 -12.39
CA ILE A 150 -4.70 -14.24 -13.16
C ILE A 150 -4.04 -14.47 -14.52
N LYS A 151 -2.95 -15.23 -14.55
CA LYS A 151 -2.24 -15.51 -15.82
C LYS A 151 -3.18 -16.28 -16.75
N ASP A 152 -3.82 -17.31 -16.23
CA ASP A 152 -4.65 -18.19 -17.09
C ASP A 152 -5.96 -17.50 -17.51
N GLN A 153 -6.49 -16.59 -16.70
CA GLN A 153 -7.82 -16.04 -17.03
C GLN A 153 -7.78 -14.56 -17.39
N ALA A 154 -6.71 -13.86 -17.06
CA ALA A 154 -6.72 -12.40 -17.30
C ALA A 154 -5.55 -11.94 -18.16
N GLY A 155 -4.40 -12.57 -18.02
CA GLY A 155 -3.23 -12.08 -18.76
C GLY A 155 -1.90 -12.30 -18.05
N SER A 156 -0.81 -11.90 -18.71
CA SER A 156 0.57 -12.15 -18.20
C SER A 156 0.78 -11.79 -16.72
N TRP A 157 0.19 -10.70 -16.23
CA TRP A 157 0.41 -10.24 -14.83
C TRP A 157 1.79 -9.61 -14.72
N SER A 158 2.32 -9.16 -15.85
CA SER A 158 3.60 -9.62 -16.46
C SER A 158 4.68 -9.75 -15.38
N GLY B 5 -0.59 18.86 -4.73
CA GLY B 5 -0.34 17.64 -5.58
C GLY B 5 0.09 16.46 -4.72
N ALA B 6 1.24 15.84 -5.05
CA ALA B 6 1.65 14.62 -4.38
C ALA B 6 2.46 14.92 -3.12
N ILE B 7 2.09 14.25 -2.03
CA ILE B 7 2.89 14.17 -0.82
C ILE B 7 3.52 12.78 -0.82
N VAL B 8 4.84 12.71 -0.76
CA VAL B 8 5.54 11.45 -0.72
C VAL B 8 6.26 11.34 0.62
N ILE B 9 5.96 10.27 1.36
CA ILE B 9 6.64 10.00 2.63
C ILE B 9 7.43 8.71 2.47
N LEU B 10 8.77 8.83 2.52
CA LEU B 10 9.65 7.67 2.67
C LEU B 10 9.70 7.30 4.15
N VAL B 11 9.45 6.03 4.44
CA VAL B 11 9.51 5.56 5.82
C VAL B 11 10.65 4.56 5.89
N VAL B 12 11.76 4.98 6.51
CA VAL B 12 13.05 4.35 6.31
C VAL B 12 13.52 3.82 7.66
N GLY B 13 13.89 2.53 7.68
CA GLY B 13 14.45 1.93 8.87
C GLY B 13 14.57 0.41 8.74
N PRO B 14 15.52 -0.20 9.49
CA PRO B 14 15.71 -1.66 9.45
C PRO B 14 14.52 -2.35 10.10
N PRO B 15 14.26 -3.66 9.81
CA PRO B 15 13.11 -4.36 10.38
C PRO B 15 12.99 -4.12 11.88
N GLY B 16 11.78 -3.71 12.32
CA GLY B 16 11.51 -3.48 13.73
C GLY B 16 11.75 -2.03 14.19
N SER B 17 11.62 -1.08 13.26
CA SER B 17 11.86 0.34 13.52
C SER B 17 10.58 1.08 13.88
N GLY B 18 9.43 0.42 13.80
CA GLY B 18 8.14 1.07 14.05
C GLY B 18 7.50 1.60 12.77
N LYS B 19 8.00 1.13 11.62
CA LYS B 19 7.54 1.55 10.31
C LYS B 19 6.03 1.28 10.14
N SER B 20 5.61 0.05 10.45
CA SER B 20 4.25 -0.41 10.20
C SER B 20 3.26 0.45 10.98
N GLN B 21 3.61 0.72 12.24
CA GLN B 21 2.73 1.47 13.11
C GLN B 21 2.71 2.94 12.70
N LEU B 22 3.86 3.46 12.25
CA LEU B 22 3.89 4.82 11.77
C LEU B 22 2.97 4.92 10.56
N ILE B 23 3.08 3.92 9.67
CA ILE B 23 2.31 3.92 8.43
C ILE B 23 0.81 3.81 8.74
N LYS B 24 0.48 3.02 9.77
CA LYS B 24 -0.91 2.86 10.16
C LYS B 24 -1.46 4.19 10.66
N ALA B 25 -0.65 4.93 11.44
CA ALA B 25 -1.06 6.23 11.94
C ALA B 25 -1.20 7.27 10.83
N ILE B 26 -0.34 7.18 9.80
CA ILE B 26 -0.41 8.14 8.71
C ILE B 26 -1.70 7.92 7.93
N GLU B 27 -2.05 6.65 7.67
CA GLU B 27 -3.27 6.28 6.95
C GLU B 27 -4.52 6.75 7.70
N LYS B 28 -4.49 6.63 9.04
CA LYS B 28 -5.66 6.95 9.84
C LYS B 28 -5.91 8.46 9.83
N LEU B 29 -4.84 9.24 10.04
CA LEU B 29 -4.92 10.70 10.04
C LEU B 29 -5.36 11.20 8.66
N ALA B 30 -4.96 10.47 7.60
CA ALA B 30 -5.29 10.85 6.24
C ALA B 30 -6.78 10.72 5.95
N ARG B 31 -7.44 9.70 6.52
CA ARG B 31 -8.88 9.55 6.36
C ARG B 31 -9.58 10.77 6.95
N GLU B 32 -9.13 11.21 8.14
CA GLU B 32 -9.72 12.34 8.82
C GLU B 32 -9.53 13.62 8.02
N GLN B 33 -8.53 13.64 7.13
CA GLN B 33 -8.23 14.83 6.36
C GLN B 33 -8.97 14.76 5.02
N GLY B 34 -9.61 13.61 4.78
CA GLY B 34 -10.25 13.29 3.51
C GLY B 34 -9.24 12.99 2.40
N GLN B 35 -8.01 12.62 2.78
CA GLN B 35 -6.92 12.52 1.82
C GLN B 35 -6.60 11.04 1.53
N PRO B 36 -6.63 10.62 0.25
CA PRO B 36 -6.34 9.23 -0.11
C PRO B 36 -4.86 8.89 0.06
N VAL B 37 -4.57 7.72 0.62
CA VAL B 37 -3.20 7.26 0.81
C VAL B 37 -2.99 5.91 0.12
N VAL B 38 -1.85 5.76 -0.58
CA VAL B 38 -1.35 4.49 -1.12
C VAL B 38 0.02 4.21 -0.54
N THR B 39 0.40 2.92 -0.43
CA THR B 39 1.69 2.51 0.08
C THR B 39 2.34 1.54 -0.91
N THR B 40 3.66 1.47 -0.84
CA THR B 40 4.47 0.53 -1.60
C THR B 40 5.75 0.28 -0.81
N SER B 41 6.28 -0.93 -0.94
CA SER B 41 7.56 -1.25 -0.34
C SER B 41 8.57 -1.45 -1.48
N VAL B 42 9.72 -0.77 -1.40
CA VAL B 42 10.75 -0.93 -2.41
C VAL B 42 12.04 -1.41 -1.77
N THR B 43 12.82 -2.18 -2.53
CA THR B 43 14.04 -2.79 -2.04
C THR B 43 15.21 -2.38 -2.92
N SER B 44 14.91 -1.75 -4.06
CA SER B 44 15.94 -1.34 -5.00
C SER B 44 15.53 -0.01 -5.66
N GLU B 45 16.52 0.66 -6.25
CA GLU B 45 16.29 1.94 -6.89
C GLU B 45 15.46 1.78 -8.16
N ASP B 46 15.58 0.62 -8.82
CA ASP B 46 14.85 0.39 -10.06
C ASP B 46 13.38 0.12 -9.77
N GLU B 47 13.11 -0.69 -8.73
CA GLU B 47 11.76 -0.91 -8.24
C GLU B 47 11.07 0.43 -8.03
N ALA B 48 11.80 1.36 -7.38
CA ALA B 48 11.29 2.68 -7.07
C ALA B 48 10.98 3.43 -8.37
N LYS B 49 11.90 3.35 -9.35
CA LYS B 49 11.71 4.02 -10.62
C LYS B 49 10.42 3.52 -11.26
N LYS B 50 10.26 2.18 -11.29
CA LYS B 50 9.14 1.55 -11.96
C LYS B 50 7.82 2.03 -11.36
N VAL B 51 7.72 1.98 -10.02
CA VAL B 51 6.46 2.29 -9.37
C VAL B 51 6.22 3.80 -9.43
N LEU B 52 7.28 4.59 -9.31
CA LEU B 52 7.15 6.04 -9.27
C LEU B 52 6.82 6.58 -10.65
N GLU B 53 7.41 6.00 -11.70
CA GLU B 53 7.11 6.38 -13.08
C GLU B 53 5.63 6.13 -13.40
N GLU B 54 5.06 5.07 -12.82
CA GLU B 54 3.68 4.76 -13.08
C GLU B 54 2.78 5.63 -12.20
N LEU B 55 3.18 5.80 -10.93
CA LEU B 55 2.32 6.39 -9.91
C LEU B 55 2.37 7.91 -9.97
N LEU B 56 3.57 8.47 -9.89
CA LEU B 56 3.77 9.92 -9.89
C LEU B 56 3.76 10.46 -11.31
N LYS B 57 2.88 9.89 -12.15
CA LYS B 57 2.81 10.24 -13.56
C LYS B 57 2.30 11.68 -13.71
N LYS B 58 1.17 11.99 -13.06
CA LYS B 58 0.49 13.25 -13.27
C LYS B 58 0.33 14.00 -11.95
N ASP B 59 1.38 14.02 -11.13
CA ASP B 59 1.36 14.66 -9.82
C ASP B 59 0.05 14.31 -9.11
N PRO B 60 -0.27 13.01 -8.93
CA PRO B 60 -1.57 12.62 -8.39
C PRO B 60 -1.77 13.26 -7.02
N ASN B 61 -2.95 13.86 -6.82
CA ASN B 61 -3.24 14.55 -5.58
C ASN B 61 -3.49 13.53 -4.47
N ALA B 62 -2.40 12.91 -3.99
CA ALA B 62 -2.50 11.82 -3.03
C ALA B 62 -1.23 11.73 -2.20
N ILE B 63 -1.35 11.09 -1.04
CA ILE B 63 -0.22 10.77 -0.17
C ILE B 63 0.30 9.38 -0.54
N VAL B 64 1.58 9.33 -0.88
CA VAL B 64 2.26 8.09 -1.25
C VAL B 64 3.26 7.78 -0.14
N VAL B 65 3.08 6.62 0.51
CA VAL B 65 4.03 6.16 1.51
C VAL B 65 4.91 5.09 0.86
N ILE B 66 6.23 5.25 1.03
CA ILE B 66 7.17 4.29 0.49
C ILE B 66 8.00 3.73 1.64
N GLU B 67 7.87 2.42 1.85
CA GLU B 67 8.54 1.71 2.93
C GLU B 67 9.89 1.21 2.42
N ILE B 68 10.96 1.49 3.20
CA ILE B 68 12.32 1.11 2.84
C ILE B 68 13.00 0.47 4.05
N LYS B 69 13.38 -0.81 3.91
CA LYS B 69 14.05 -1.56 4.96
C LYS B 69 15.54 -1.25 4.98
N ASN B 70 16.10 -0.96 3.79
CA ASN B 70 17.53 -0.78 3.62
C ASN B 70 17.85 0.72 3.49
N PRO B 71 18.30 1.39 4.58
CA PRO B 71 18.62 2.82 4.54
C PRO B 71 19.58 3.26 3.44
N ARG B 72 20.40 2.35 2.93
CA ARG B 72 21.41 2.70 1.94
C ARG B 72 20.78 3.20 0.64
N ILE B 73 19.52 2.80 0.37
CA ILE B 73 18.91 3.14 -0.92
C ILE B 73 18.09 4.43 -0.82
N ALA B 74 17.92 4.95 0.40
CA ALA B 74 16.98 6.03 0.66
C ALA B 74 17.30 7.25 -0.20
N GLU B 75 18.59 7.60 -0.28
CA GLU B 75 19.06 8.78 -0.99
C GLU B 75 18.62 8.73 -2.46
N ARG B 76 18.92 7.59 -3.12
N ARG B 76 18.95 7.61 -3.13
CA ARG B 76 18.64 7.45 -4.54
CA ARG B 76 18.66 7.44 -4.55
C ARG B 76 17.14 7.40 -4.80
C ARG B 76 17.14 7.43 -4.78
N VAL B 77 16.40 6.78 -3.88
CA VAL B 77 14.95 6.73 -3.97
C VAL B 77 14.39 8.15 -3.82
N ALA B 78 14.90 8.89 -2.84
CA ALA B 78 14.48 10.28 -2.64
C ALA B 78 14.74 11.09 -3.91
N LYS B 79 15.94 10.95 -4.50
CA LYS B 79 16.25 11.65 -5.73
C LYS B 79 15.34 11.20 -6.86
N ARG B 80 15.02 9.90 -6.92
CA ARG B 80 14.15 9.38 -7.96
C ARG B 80 12.77 10.01 -7.84
N VAL B 81 12.29 10.19 -6.60
CA VAL B 81 10.98 10.82 -6.38
C VAL B 81 10.99 12.22 -7.01
N LEU B 82 12.09 12.96 -6.78
CA LEU B 82 12.13 14.34 -7.22
C LEU B 82 12.32 14.40 -8.72
N GLU B 83 13.02 13.41 -9.28
CA GLU B 83 13.21 13.25 -10.71
C GLU B 83 11.85 13.02 -11.38
N GLU B 84 11.01 12.16 -10.77
CA GLU B 84 9.73 11.80 -11.37
C GLU B 84 8.71 12.93 -11.14
N ASP B 85 8.73 13.56 -9.98
CA ASP B 85 7.79 14.63 -9.69
C ASP B 85 8.52 15.77 -8.99
N PRO B 86 9.08 16.74 -9.75
CA PRO B 86 9.88 17.82 -9.18
C PRO B 86 9.11 18.75 -8.27
N THR B 87 7.77 18.69 -8.28
CA THR B 87 6.99 19.54 -7.39
C THR B 87 6.43 18.78 -6.18
N ALA B 88 6.83 17.51 -6.02
CA ALA B 88 6.28 16.71 -4.93
C ALA B 88 6.72 17.25 -3.57
N VAL B 89 5.84 17.15 -2.57
CA VAL B 89 6.27 17.32 -1.19
C VAL B 89 6.95 16.03 -0.74
N LEU B 90 8.18 16.10 -0.22
CA LEU B 90 8.89 14.89 0.14
C LEU B 90 9.33 14.96 1.59
N VAL B 91 8.91 13.98 2.38
CA VAL B 91 9.30 13.85 3.77
C VAL B 91 9.99 12.50 3.92
N VAL B 92 11.17 12.49 4.50
CA VAL B 92 11.92 11.24 4.73
C VAL B 92 12.02 10.99 6.23
N VAL B 93 11.33 9.98 6.73
CA VAL B 93 11.40 9.58 8.13
C VAL B 93 12.40 8.45 8.24
N VAL B 94 13.51 8.68 8.96
CA VAL B 94 14.56 7.69 9.11
C VAL B 94 14.72 7.38 10.60
N SER B 95 15.55 6.38 10.93
CA SER B 95 15.74 6.02 12.33
C SER B 95 17.13 6.42 12.84
N SER B 96 18.11 6.54 11.94
CA SER B 96 19.45 6.90 12.38
C SER B 96 19.70 8.40 12.19
N PRO B 97 20.15 9.12 13.24
CA PRO B 97 20.56 10.52 13.09
C PRO B 97 21.72 10.71 12.11
N GLU B 98 22.55 9.54 12.08
CA GLU B 98 23.70 9.52 11.14
C GLU B 98 23.16 9.61 9.71
N VAL B 99 22.28 8.81 9.31
CA VAL B 99 21.70 8.78 7.98
C VAL B 99 20.99 10.11 7.72
N ALA B 100 20.23 10.59 8.70
CA ALA B 100 19.47 11.82 8.54
C ALA B 100 20.38 12.98 8.14
N ARG B 101 21.55 13.07 8.78
CA ARG B 101 22.50 14.14 8.49
C ARG B 101 22.96 14.02 7.04
N GLU B 102 23.26 12.78 6.62
CA GLU B 102 23.78 12.54 5.28
C GLU B 102 22.73 12.92 4.24
N LEU B 103 21.46 12.60 4.52
CA LEU B 103 20.38 12.89 3.58
C LEU B 103 20.12 14.39 3.49
N ARG B 104 20.21 15.09 4.63
CA ARG B 104 20.00 16.53 4.66
C ARG B 104 21.03 17.26 3.78
N GLU B 105 22.29 16.80 3.86
CA GLU B 105 23.36 17.37 3.05
C GLU B 105 23.09 17.19 1.56
N ASN B 106 22.37 16.12 1.21
CA ASN B 106 22.24 15.74 -0.19
C ASN B 106 20.89 16.16 -0.77
N LEU B 107 19.95 16.63 0.07
CA LEU B 107 18.63 17.04 -0.39
C LEU B 107 18.13 18.14 0.54
N PRO B 108 17.95 19.41 0.09
CA PRO B 108 17.31 20.44 0.92
C PRO B 108 15.80 20.30 1.15
N ASN B 109 15.37 19.16 1.76
CA ASN B 109 13.96 18.85 2.02
C ASN B 109 13.80 18.16 3.39
N VAL B 110 12.55 17.84 3.75
CA VAL B 110 12.24 17.45 5.13
C VAL B 110 12.77 16.05 5.40
N ILE B 111 13.76 15.96 6.29
CA ILE B 111 14.30 14.66 6.75
C ILE B 111 14.20 14.67 8.27
N VAL B 112 13.39 13.79 8.85
CA VAL B 112 13.15 13.74 10.29
C VAL B 112 13.54 12.37 10.85
N VAL B 113 13.67 12.29 12.17
CA VAL B 113 14.08 11.03 12.79
C VAL B 113 13.07 10.62 13.85
N VAL B 114 12.59 9.38 13.75
CA VAL B 114 11.69 8.81 14.75
C VAL B 114 12.51 7.94 15.70
N LEU B 115 13.71 7.52 15.24
CA LEU B 115 14.64 6.64 15.94
C LEU B 115 13.97 5.28 16.20
N ILE B 116 14.19 4.77 17.43
CA ILE B 116 13.49 3.59 17.89
C ILE B 116 12.48 4.01 18.95
N ARG B 117 11.35 3.32 19.01
CA ARG B 117 10.42 3.61 20.14
C ARG B 117 11.16 3.22 21.42
N ASP B 118 11.98 2.16 21.36
CA ASP B 118 12.79 1.77 22.49
C ASP B 118 13.58 2.95 23.04
N PRO B 119 13.49 3.22 24.36
CA PRO B 119 14.17 4.36 24.99
C PRO B 119 15.67 4.18 25.21
N GLU B 120 16.27 3.16 24.60
CA GLU B 120 17.72 2.96 24.66
C GLU B 120 18.43 4.19 24.08
N LYS B 121 18.22 4.44 22.78
CA LYS B 121 18.88 5.53 22.11
C LYS B 121 18.17 6.85 22.38
N LEU B 122 16.92 6.80 22.85
CA LEU B 122 16.20 8.00 23.26
C LEU B 122 16.88 8.66 24.45
N LYS B 123 17.34 7.85 25.41
CA LYS B 123 18.09 8.31 26.56
C LYS B 123 19.35 9.03 26.08
N GLU B 124 20.11 8.39 25.19
CA GLU B 124 21.26 9.00 24.55
C GLU B 124 20.81 10.22 23.72
N ALA B 125 19.71 10.05 22.99
CA ALA B 125 19.32 10.97 21.93
C ALA B 125 19.03 12.35 22.50
N LYS B 126 18.09 12.40 23.45
CA LYS B 126 17.65 13.65 24.05
C LYS B 126 18.83 14.33 24.74
N LYS B 127 19.70 13.51 25.34
CA LYS B 127 20.84 13.96 26.13
C LYS B 127 21.94 14.46 25.20
N GLN B 128 21.99 13.92 23.98
CA GLN B 128 22.93 14.42 22.99
C GLN B 128 22.37 15.68 22.34
N GLY B 129 21.04 15.83 22.38
CA GLY B 129 20.36 16.97 21.81
C GLY B 129 19.92 16.80 20.34
N THR B 130 19.95 15.57 19.82
CA THR B 130 19.47 15.33 18.48
C THR B 130 17.99 15.69 18.39
N GLN B 131 17.72 16.29 17.06
CA GLN B 131 16.32 16.71 16.72
C GLN B 131 15.51 15.47 16.36
N VAL B 132 14.47 15.08 17.36
CA VAL B 132 13.77 13.80 17.01
C VAL B 132 12.25 13.90 17.17
N LEU B 133 11.59 14.81 16.44
CA LEU B 133 10.12 14.82 16.44
C LEU B 133 9.65 14.78 17.88
N SER B 134 8.72 13.88 18.19
CA SER B 134 8.34 13.69 19.61
C SER B 134 9.28 12.57 20.03
N GLY B 135 9.49 11.63 19.11
CA GLY B 135 10.44 10.56 19.35
C GLY B 135 10.01 9.60 20.47
N ASP B 136 8.92 9.96 21.16
CA ASP B 136 8.37 9.13 22.22
C ASP B 136 7.76 7.88 21.60
N GLY B 137 7.74 7.82 20.26
CA GLY B 137 7.36 6.63 19.53
C GLY B 137 5.85 6.53 19.42
N ASN B 138 5.23 7.68 19.78
CA ASN B 138 3.76 7.84 19.70
C ASN B 138 3.45 8.03 18.21
N PRO B 139 2.87 7.03 17.51
CA PRO B 139 2.70 7.12 16.05
C PRO B 139 1.74 8.23 15.63
N GLU B 140 0.73 8.49 16.47
CA GLU B 140 -0.32 9.46 16.17
C GLU B 140 0.22 10.88 16.28
N GLU B 141 1.06 11.15 17.27
CA GLU B 141 1.70 12.43 17.40
C GLU B 141 2.67 12.63 16.23
N ALA B 142 3.48 11.60 15.94
CA ALA B 142 4.45 11.58 14.85
C ALA B 142 3.79 11.95 13.52
N ALA B 143 2.68 11.27 13.20
CA ALA B 143 1.89 11.50 12.00
C ALA B 143 1.37 12.95 11.99
N LYS B 144 0.92 13.42 13.16
CA LYS B 144 0.46 14.79 13.31
C LYS B 144 1.62 15.74 13.05
N GLN B 145 2.80 15.42 13.58
CA GLN B 145 3.96 16.28 13.42
C GLN B 145 4.35 16.35 11.94
N ILE B 146 4.35 15.19 11.27
CA ILE B 146 4.69 15.11 9.85
C ILE B 146 3.73 15.99 9.03
N ALA B 147 2.43 15.89 9.32
CA ALA B 147 1.44 16.68 8.61
C ALA B 147 1.65 18.19 8.81
N GLN B 148 2.07 18.58 10.03
CA GLN B 148 2.35 19.98 10.32
C GLN B 148 3.58 20.46 9.53
N LEU B 149 4.60 19.60 9.45
CA LEU B 149 5.81 19.93 8.70
C LEU B 149 5.44 20.14 7.23
N ILE B 150 4.59 19.23 6.72
CA ILE B 150 4.10 19.34 5.35
C ILE B 150 3.33 20.66 5.18
N LYS B 151 2.45 20.97 6.13
CA LYS B 151 1.71 22.22 6.12
C LYS B 151 2.68 23.38 5.93
N ASP B 152 3.71 23.44 6.78
CA ASP B 152 4.73 24.48 6.76
C ASP B 152 5.43 24.61 5.41
N GLN B 153 5.39 23.54 4.59
CA GLN B 153 6.01 23.58 3.28
C GLN B 153 5.14 22.80 2.28
N NH4 C . -11.75 -25.37 3.10
S SO4 D . -6.19 -9.25 8.95
O1 SO4 D . -7.16 -9.69 7.99
O2 SO4 D . -6.76 -8.26 9.80
O3 SO4 D . -5.75 -10.37 9.73
O4 SO4 D . -5.07 -8.69 8.26
C ACT E . -20.08 9.37 -9.44
O ACT E . -19.09 9.97 -9.90
OXT ACT E . -20.43 9.41 -8.26
CH3 ACT E . -20.90 8.51 -10.41
C ACT F . -8.37 -13.62 2.57
O ACT F . -9.18 -12.88 1.99
OXT ACT F . -7.18 -13.33 2.78
CH3 ACT F . -8.87 -14.95 3.11
C ACT G . 11.68 -9.10 -0.49
O ACT G . 11.41 -8.99 -1.70
OXT ACT G . 10.87 -8.84 0.43
CH3 ACT G . 13.07 -9.58 -0.09
C TRS H . 17.02 7.77 -16.04
C1 TRS H . 18.03 6.65 -16.08
C2 TRS H . 17.19 8.72 -17.22
C3 TRS H . 15.59 7.22 -16.02
N TRS H . 17.25 8.56 -14.79
O1 TRS H . 18.06 5.91 -14.88
O2 TRS H . 16.18 9.72 -17.23
O3 TRS H . 15.38 6.32 -17.09
S SO4 I . 8.59 -2.32 11.45
O1 SO4 I . 8.09 -2.24 12.80
O2 SO4 I . 9.45 -1.21 11.19
O3 SO4 I . 9.33 -3.54 11.29
O4 SO4 I . 7.50 -2.31 10.53
#